data_5V00
#
_entry.id   5V00
#
_cell.length_a   82.863
_cell.length_b   82.863
_cell.length_c   174.419
_cell.angle_alpha   90.000
_cell.angle_beta   90.000
_cell.angle_gamma   90.000
#
_symmetry.space_group_name_H-M   'P 41 21 2'
#
loop_
_entity.id
_entity.type
_entity.pdbx_description
1 polymer 'Uncharacterized protein'
2 non-polymer GLYCEROL
3 non-polymer 'FORMIC ACID'
4 water water
#
_entity_poly.entity_id   1
_entity_poly.type   'polypeptide(L)'
_entity_poly.pdbx_seq_one_letter_code
;MGHHHHHHSAISVWRAVDYVRMPWKNGGGSTEEITRDAGTGLEGFGWRLSIADIGESGGFSSFAGYQRVITVIQGAGMVL
TVDGEEQRGLLPLQPFAFRGDSQVSCRLITGPIRDFNLIYSPERYHARLQWVDGVQRFFSTAQTVLVFSVADEVKVLGEK
LGHHDCLQVDGNAGLLDISVTGRCCLIELTQRG
;
_entity_poly.pdbx_strand_id   A,B
#
loop_
_chem_comp.id
_chem_comp.type
_chem_comp.name
_chem_comp.formula
FMT non-polymer 'FORMIC ACID' 'C H2 O2'
GOL non-polymer GLYCEROL 'C3 H8 O3'
#
# COMPACT_ATOMS: atom_id res chain seq x y z
N ALA A 10 -18.33 3.95 1.82
CA ALA A 10 -18.95 3.55 3.10
C ALA A 10 -17.88 3.42 4.21
N ILE A 11 -17.97 4.24 5.25
CA ILE A 11 -17.00 4.22 6.39
C ILE A 11 -17.67 3.69 7.62
N SER A 12 -17.05 2.73 8.29
CA SER A 12 -17.41 2.30 9.64
C SER A 12 -16.22 2.48 10.57
N VAL A 13 -16.53 2.72 11.83
CA VAL A 13 -15.54 2.73 12.86
C VAL A 13 -15.87 1.68 13.90
N TRP A 14 -15.00 0.70 14.09
CA TRP A 14 -15.09 -0.31 15.12
C TRP A 14 -14.37 0.15 16.36
N ARG A 15 -15.09 0.20 17.50
CA ARG A 15 -14.46 0.60 18.73
C ARG A 15 -14.02 -0.55 19.59
N ALA A 16 -12.79 -0.50 20.09
CA ALA A 16 -12.21 -1.56 20.87
C ALA A 16 -13.00 -1.99 22.09
N VAL A 17 -13.65 -1.03 22.69
CA VAL A 17 -14.53 -1.40 23.86
C VAL A 17 -15.64 -2.36 23.48
N ASP A 18 -16.05 -2.37 22.23
CA ASP A 18 -17.03 -3.27 21.72
C ASP A 18 -16.54 -4.61 21.17
N TYR A 19 -15.24 -4.88 21.17
CA TYR A 19 -14.79 -6.09 20.51
C TYR A 19 -15.19 -7.28 21.39
N VAL A 20 -15.81 -8.26 20.73
CA VAL A 20 -16.29 -9.44 21.39
C VAL A 20 -15.16 -10.40 21.62
N ARG A 21 -14.96 -10.76 22.88
CA ARG A 21 -13.91 -11.65 23.22
C ARG A 21 -14.41 -13.08 23.45
N MET A 22 -13.76 -14.07 22.81
CA MET A 22 -14.10 -15.48 22.98
CA MET A 22 -14.06 -15.48 22.99
C MET A 22 -12.86 -16.27 23.49
N PRO A 23 -13.00 -17.04 24.59
CA PRO A 23 -11.91 -17.89 25.03
C PRO A 23 -11.53 -19.07 24.10
N TRP A 24 -10.25 -19.44 24.07
CA TRP A 24 -9.75 -20.49 23.21
C TRP A 24 -10.16 -21.86 23.76
N LYS A 25 -10.31 -22.80 22.85
CA LYS A 25 -10.76 -24.16 23.19
C LYS A 25 -9.83 -24.79 24.24
N ASN A 26 -8.52 -24.67 24.03
CA ASN A 26 -7.51 -25.22 25.00
C ASN A 26 -7.27 -24.39 26.26
N GLY A 27 -7.95 -23.29 26.44
CA GLY A 27 -7.81 -22.46 27.62
C GLY A 27 -6.52 -21.60 27.64
N GLY A 28 -5.70 -21.65 26.60
CA GLY A 28 -4.43 -20.87 26.64
C GLY A 28 -4.49 -19.38 26.33
N GLY A 29 -5.67 -18.84 26.07
CA GLY A 29 -5.80 -17.45 25.62
C GLY A 29 -7.20 -17.19 25.15
N SER A 30 -7.37 -16.07 24.50
CA SER A 30 -8.67 -15.68 23.96
C SER A 30 -8.46 -14.79 22.75
N THR A 31 -9.51 -14.61 21.97
CA THR A 31 -9.45 -13.78 20.73
C THR A 31 -10.55 -12.81 20.71
N GLU A 32 -10.26 -11.55 20.43
CA GLU A 32 -11.20 -10.50 20.25
C GLU A 32 -11.47 -10.30 18.78
N GLU A 33 -12.74 -10.41 18.37
CA GLU A 33 -13.09 -10.15 16.98
C GLU A 33 -13.09 -8.65 16.69
N ILE A 34 -12.39 -8.25 15.64
CA ILE A 34 -12.50 -6.92 15.12
C ILE A 34 -13.47 -6.86 13.94
N THR A 35 -13.16 -7.54 12.83
CA THR A 35 -13.97 -7.51 11.64
C THR A 35 -13.51 -8.62 10.70
N ARG A 36 -14.39 -9.09 9.81
CA ARG A 36 -14.07 -10.12 8.87
C ARG A 36 -14.93 -9.89 7.64
N ASP A 37 -14.54 -10.52 6.53
CA ASP A 37 -15.35 -10.41 5.30
C ASP A 37 -16.65 -11.21 5.44
N ALA A 38 -17.44 -11.16 4.39
CA ALA A 38 -18.68 -11.94 4.46
C ALA A 38 -18.48 -13.39 4.26
N GLY A 39 -17.35 -13.80 3.72
CA GLY A 39 -17.05 -15.25 3.60
C GLY A 39 -17.88 -15.97 2.55
N THR A 40 -17.64 -17.26 2.46
CA THR A 40 -18.48 -18.18 1.67
C THR A 40 -18.95 -19.26 2.59
N GLY A 41 -20.10 -19.84 2.21
CA GLY A 41 -20.57 -20.98 2.97
C GLY A 41 -19.60 -22.18 2.99
N LEU A 42 -18.96 -22.41 1.85
CA LEU A 42 -18.05 -23.54 1.77
C LEU A 42 -16.70 -23.36 2.48
N GLU A 43 -16.13 -22.14 2.38
CA GLU A 43 -14.75 -21.88 2.85
CA GLU A 43 -14.75 -21.88 2.86
C GLU A 43 -14.68 -20.97 4.10
N GLY A 44 -15.82 -20.42 4.52
CA GLY A 44 -15.77 -19.54 5.67
C GLY A 44 -15.18 -18.18 5.27
N PHE A 45 -14.74 -17.41 6.29
CA PHE A 45 -14.19 -16.10 6.01
C PHE A 45 -13.05 -16.23 5.01
N GLY A 46 -12.91 -15.19 4.18
CA GLY A 46 -11.79 -14.99 3.32
C GLY A 46 -10.73 -14.09 3.89
N TRP A 47 -11.09 -13.24 4.86
CA TRP A 47 -10.12 -12.48 5.66
C TRP A 47 -10.71 -12.19 6.99
N ARG A 48 -9.84 -12.00 7.98
CA ARG A 48 -10.25 -11.68 9.35
C ARG A 48 -9.22 -10.81 10.04
N LEU A 49 -9.64 -9.79 10.77
CA LEU A 49 -8.81 -9.07 11.74
C LEU A 49 -9.26 -9.37 13.13
N SER A 50 -8.29 -9.64 14.00
CA SER A 50 -8.62 -9.92 15.40
C SER A 50 -7.45 -9.59 16.28
N ILE A 51 -7.66 -9.67 17.59
CA ILE A 51 -6.57 -9.53 18.56
C ILE A 51 -6.51 -10.80 19.32
N ALA A 52 -5.34 -11.47 19.31
CA ALA A 52 -5.12 -12.71 20.07
C ALA A 52 -4.44 -12.35 21.39
N ASP A 53 -5.06 -12.77 22.49
CA ASP A 53 -4.51 -12.65 23.84
CA ASP A 53 -4.51 -12.62 23.81
C ASP A 53 -3.92 -13.97 24.21
N ILE A 54 -2.59 -14.10 24.18
CA ILE A 54 -1.89 -15.33 24.40
C ILE A 54 -1.46 -15.36 25.86
N GLY A 55 -2.13 -16.25 26.62
CA GLY A 55 -1.96 -16.34 28.05
C GLY A 55 -0.92 -17.33 28.52
N GLU A 56 -0.63 -18.33 27.74
CA GLU A 56 0.32 -19.36 28.05
C GLU A 56 1.09 -19.70 26.82
N SER A 57 2.31 -20.19 27.01
CA SER A 57 3.05 -20.83 25.93
C SER A 57 2.33 -22.00 25.33
N GLY A 58 2.46 -22.22 24.03
CA GLY A 58 1.84 -23.39 23.38
C GLY A 58 1.67 -23.26 21.93
N GLY A 59 1.03 -24.26 21.31
CA GLY A 59 0.88 -24.29 19.85
C GLY A 59 -0.27 -23.39 19.36
N PHE A 60 -0.15 -22.93 18.12
CA PHE A 60 -1.20 -22.18 17.45
C PHE A 60 -1.94 -23.17 16.59
N SER A 61 -3.20 -22.88 16.32
CA SER A 61 -3.91 -23.60 15.30
C SER A 61 -3.33 -23.31 13.94
N SER A 62 -3.50 -24.26 13.05
CA SER A 62 -3.16 -24.11 11.65
C SER A 62 -4.38 -23.74 10.81
N PHE A 63 -4.09 -23.10 9.70
CA PHE A 63 -5.07 -22.60 8.71
C PHE A 63 -4.53 -22.86 7.32
N ALA A 64 -4.59 -24.13 6.89
CA ALA A 64 -4.02 -24.51 5.63
C ALA A 64 -4.59 -23.73 4.48
N GLY A 65 -3.72 -23.19 3.64
CA GLY A 65 -4.19 -22.45 2.51
C GLY A 65 -4.23 -20.94 2.76
N TYR A 66 -4.15 -20.47 3.99
CA TYR A 66 -4.30 -19.06 4.31
C TYR A 66 -2.92 -18.45 4.57
N GLN A 67 -2.86 -17.16 4.46
CA GLN A 67 -1.64 -16.36 4.79
C GLN A 67 -1.89 -15.57 6.03
N ARG A 68 -0.93 -15.54 6.93
CA ARG A 68 -1.05 -14.79 8.19
C ARG A 68 -0.02 -13.68 8.27
N VAL A 69 -0.37 -12.57 8.90
CA VAL A 69 0.59 -11.60 9.38
C VAL A 69 0.20 -11.21 10.77
N ILE A 70 1.07 -11.38 11.74
CA ILE A 70 0.79 -11.05 13.13
C ILE A 70 1.80 -10.05 13.67
N THR A 71 1.37 -9.26 14.64
CA THR A 71 2.13 -8.22 15.21
C THR A 71 1.90 -8.15 16.71
N VAL A 72 2.97 -8.17 17.50
CA VAL A 72 2.81 -7.87 18.92
C VAL A 72 2.35 -6.46 19.20
N ILE A 73 1.23 -6.32 19.91
CA ILE A 73 0.70 -4.99 20.23
C ILE A 73 0.61 -4.68 21.73
N GLN A 74 0.81 -5.67 22.57
CA GLN A 74 0.91 -5.42 24.05
C GLN A 74 1.79 -6.48 24.61
N GLY A 75 2.61 -6.06 25.54
CA GLY A 75 3.67 -6.91 26.11
C GLY A 75 5.00 -6.71 25.40
N ALA A 76 6.07 -7.29 25.95
CA ALA A 76 7.42 -6.97 25.48
C ALA A 76 7.87 -7.81 24.32
N GLY A 77 7.16 -8.90 24.05
CA GLY A 77 7.42 -9.80 22.92
C GLY A 77 7.42 -11.25 23.32
N MET A 78 7.52 -12.12 22.34
CA MET A 78 7.52 -13.54 22.50
C MET A 78 8.33 -14.17 21.41
N VAL A 79 8.53 -15.48 21.51
CA VAL A 79 9.33 -16.23 20.57
C VAL A 79 8.52 -17.28 19.86
N LEU A 80 8.60 -17.28 18.52
CA LEU A 80 7.86 -18.23 17.68
C LEU A 80 8.75 -19.24 17.08
N THR A 81 8.30 -20.49 17.06
CA THR A 81 8.94 -21.51 16.32
C THR A 81 8.08 -21.96 15.18
N VAL A 82 8.58 -21.84 13.98
CA VAL A 82 7.83 -22.10 12.73
C VAL A 82 8.43 -23.32 12.04
N ASP A 83 7.67 -24.42 12.00
CA ASP A 83 8.08 -25.66 11.31
C ASP A 83 9.46 -26.04 11.94
N GLY A 84 10.45 -26.37 11.10
CA GLY A 84 11.82 -26.55 11.66
C GLY A 84 12.71 -25.30 11.80
N GLU A 85 12.19 -24.12 11.58
CA GLU A 85 13.08 -22.96 11.55
C GLU A 85 13.72 -22.71 12.98
N GLU A 86 14.83 -21.97 13.01
CA GLU A 86 15.33 -21.47 14.32
C GLU A 86 14.27 -20.55 14.91
N GLN A 87 14.30 -20.41 16.20
CA GLN A 87 13.38 -19.59 16.91
C GLN A 87 13.44 -18.13 16.39
N ARG A 88 12.27 -17.50 16.40
CA ARG A 88 12.17 -16.09 16.00
C ARG A 88 11.56 -15.22 17.06
N GLY A 89 12.22 -14.13 17.42
CA GLY A 89 11.75 -13.20 18.38
C GLY A 89 10.85 -12.18 17.71
N LEU A 90 9.66 -11.96 18.31
CA LEU A 90 8.76 -10.90 17.86
C LEU A 90 8.70 -9.79 18.87
N LEU A 91 9.20 -8.62 18.47
CA LEU A 91 9.21 -7.46 19.30
C LEU A 91 7.96 -6.60 19.04
N PRO A 92 7.63 -5.69 19.95
CA PRO A 92 6.44 -4.83 19.73
C PRO A 92 6.43 -4.15 18.42
N LEU A 93 5.28 -4.26 17.72
CA LEU A 93 5.00 -3.58 16.47
C LEU A 93 5.83 -4.04 15.34
N GLN A 94 6.39 -5.25 15.41
CA GLN A 94 7.16 -5.77 14.30
C GLN A 94 6.32 -6.85 13.60
N PRO A 95 5.80 -6.54 12.41
CA PRO A 95 4.95 -7.54 11.74
C PRO A 95 5.75 -8.77 11.29
N PHE A 96 5.13 -9.93 11.39
CA PHE A 96 5.72 -11.19 10.97
C PHE A 96 4.75 -12.03 10.14
N ALA A 97 5.12 -12.32 8.88
CA ALA A 97 4.29 -13.09 7.96
C ALA A 97 4.64 -14.55 8.00
N PHE A 98 3.65 -15.43 7.96
CA PHE A 98 3.90 -16.85 7.84
C PHE A 98 2.71 -17.56 7.27
N ARG A 99 2.94 -18.74 6.70
CA ARG A 99 1.82 -19.55 6.11
C ARG A 99 0.96 -20.20 7.15
N GLY A 100 -0.36 -20.25 6.88
CA GLY A 100 -1.25 -20.97 7.79
C GLY A 100 -0.98 -22.49 7.85
N ASP A 101 -0.41 -23.04 6.80
CA ASP A 101 -0.16 -24.50 6.87
CA ASP A 101 -0.01 -24.48 6.67
C ASP A 101 1.09 -24.82 7.69
N SER A 102 1.86 -23.84 8.09
CA SER A 102 2.97 -24.11 9.03
C SER A 102 2.51 -24.56 10.39
N GLN A 103 3.33 -25.41 11.00
CA GLN A 103 3.17 -25.75 12.39
C GLN A 103 3.92 -24.74 13.30
N VAL A 104 3.19 -24.01 14.12
CA VAL A 104 3.75 -22.85 14.83
C VAL A 104 3.48 -22.96 16.29
N SER A 105 4.50 -22.69 17.12
CA SER A 105 4.26 -22.59 18.54
C SER A 105 4.90 -21.35 19.10
N CYS A 106 4.37 -20.93 20.24
CA CYS A 106 4.75 -19.69 20.85
C CYS A 106 5.29 -19.96 22.23
N ARG A 107 6.44 -19.37 22.52
CA ARG A 107 7.02 -19.37 23.91
C ARG A 107 7.01 -18.02 24.51
N LEU A 108 6.23 -17.86 25.59
CA LEU A 108 6.12 -16.65 26.31
C LEU A 108 7.44 -16.52 27.13
N ILE A 109 7.94 -15.31 27.21
CA ILE A 109 9.16 -15.00 28.03
C ILE A 109 8.93 -14.07 29.19
N THR A 110 8.17 -12.99 29.03
CA THR A 110 7.79 -12.13 30.14
C THR A 110 6.30 -12.06 30.34
N GLY A 111 5.61 -13.10 30.01
CA GLY A 111 4.24 -13.21 30.41
C GLY A 111 3.35 -12.90 29.19
N PRO A 112 2.06 -12.72 29.46
CA PRO A 112 1.09 -12.68 28.37
C PRO A 112 1.36 -11.59 27.33
N ILE A 113 0.95 -11.92 26.13
CA ILE A 113 1.14 -11.01 24.96
C ILE A 113 -0.20 -10.87 24.25
N ARG A 114 -0.44 -9.70 23.63
CA ARG A 114 -1.58 -9.51 22.70
C ARG A 114 -1.01 -9.25 21.32
N ASP A 115 -1.54 -9.96 20.30
CA ASP A 115 -1.11 -9.81 18.90
C ASP A 115 -2.28 -9.30 18.04
N PHE A 116 -1.98 -8.33 17.18
CA PHE A 116 -2.90 -7.92 16.12
C PHE A 116 -2.69 -8.94 14.99
N ASN A 117 -3.79 -9.64 14.62
CA ASN A 117 -3.76 -10.72 13.65
C ASN A 117 -4.53 -10.38 12.35
N LEU A 118 -3.84 -10.49 11.21
CA LEU A 118 -4.46 -10.54 9.88
C LEU A 118 -4.34 -11.94 9.35
N ILE A 119 -5.46 -12.49 8.84
CA ILE A 119 -5.41 -13.69 8.07
C ILE A 119 -6.18 -13.48 6.81
N TYR A 120 -5.73 -14.02 5.70
CA TYR A 120 -6.51 -13.94 4.47
C TYR A 120 -6.24 -15.16 3.60
N SER A 121 -7.17 -15.43 2.74
CA SER A 121 -7.12 -16.44 1.71
C SER A 121 -6.52 -15.84 0.44
N PRO A 122 -5.30 -16.28 0.04
CA PRO A 122 -4.74 -15.72 -1.17
C PRO A 122 -5.50 -16.08 -2.47
N GLU A 123 -6.24 -17.20 -2.43
CA GLU A 123 -7.02 -17.51 -3.60
C GLU A 123 -8.16 -16.49 -3.80
N ARG A 124 -8.67 -15.94 -2.70
CA ARG A 124 -9.79 -15.00 -2.70
C ARG A 124 -9.49 -13.55 -2.66
N TYR A 125 -8.32 -13.15 -2.11
CA TYR A 125 -7.99 -11.76 -1.86
C TYR A 125 -6.56 -11.40 -2.18
N HIS A 126 -6.40 -10.22 -2.78
CA HIS A 126 -5.19 -9.46 -2.77
C HIS A 126 -5.11 -8.71 -1.45
N ALA A 127 -3.89 -8.50 -0.95
CA ALA A 127 -3.66 -7.91 0.38
C ALA A 127 -2.47 -7.06 0.41
N ARG A 128 -2.49 -6.12 1.33
CA ARG A 128 -1.38 -5.29 1.70
C ARG A 128 -1.42 -4.91 3.16
N LEU A 129 -0.28 -4.89 3.82
CA LEU A 129 -0.20 -4.45 5.20
C LEU A 129 0.98 -3.60 5.44
N GLN A 130 0.83 -2.51 6.19
CA GLN A 130 1.97 -1.65 6.52
C GLN A 130 1.75 -0.89 7.84
N TRP A 131 2.66 -1.02 8.77
CA TRP A 131 2.63 -0.20 9.96
C TRP A 131 3.29 1.17 9.65
N VAL A 132 2.60 2.23 10.04
CA VAL A 132 3.03 3.60 9.77
C VAL A 132 2.97 4.50 11.01
N ASP A 133 3.57 5.68 10.86
CA ASP A 133 3.50 6.68 11.94
C ASP A 133 3.58 8.05 11.30
N GLY A 134 3.20 9.10 12.05
CA GLY A 134 3.32 10.43 11.53
C GLY A 134 2.20 10.75 10.57
N VAL A 135 2.52 11.57 9.60
CA VAL A 135 1.52 12.04 8.70
C VAL A 135 1.77 11.25 7.39
N GLN A 136 0.73 10.61 6.88
CA GLN A 136 0.81 9.71 5.72
C GLN A 136 -0.29 10.16 4.76
N ARG A 137 -0.08 9.90 3.46
CA ARG A 137 -1.12 10.11 2.44
C ARG A 137 -0.91 9.03 1.39
N PHE A 138 -1.96 8.32 1.00
CA PHE A 138 -1.86 7.37 -0.06
C PHE A 138 -3.13 7.35 -0.91
N PHE A 139 -2.97 6.85 -2.14
CA PHE A 139 -4.04 6.69 -3.08
C PHE A 139 -4.18 5.21 -3.31
N SER A 140 -5.40 4.72 -3.26
CA SER A 140 -5.62 3.24 -3.45
C SER A 140 -6.91 2.94 -4.13
N THR A 141 -6.86 1.97 -5.06
CA THR A 141 -8.08 1.38 -5.56
C THR A 141 -8.66 0.26 -4.79
N ALA A 142 -8.04 -0.15 -3.68
CA ALA A 142 -8.45 -1.32 -2.98
C ALA A 142 -9.93 -1.24 -2.57
N GLN A 143 -10.55 -2.37 -2.55
CA GLN A 143 -12.01 -2.52 -2.23
CA GLN A 143 -12.00 -2.42 -2.27
C GLN A 143 -12.30 -2.17 -0.78
N THR A 144 -11.45 -2.70 0.10
CA THR A 144 -11.53 -2.50 1.51
C THR A 144 -10.27 -1.92 2.08
N VAL A 145 -10.35 -0.86 2.85
CA VAL A 145 -9.24 -0.23 3.52
C VAL A 145 -9.48 -0.19 4.98
N LEU A 146 -8.53 -0.76 5.74
CA LEU A 146 -8.64 -0.84 7.19
C LEU A 146 -7.50 -0.08 7.85
N VAL A 147 -7.80 0.63 8.94
CA VAL A 147 -6.80 1.43 9.67
C VAL A 147 -6.96 1.08 11.16
N PHE A 148 -6.01 0.37 11.71
CA PHE A 148 -6.04 -0.14 13.10
C PHE A 148 -5.08 0.72 13.94
N SER A 149 -5.62 1.42 14.90
CA SER A 149 -4.85 2.32 15.76
C SER A 149 -4.14 1.72 16.92
N VAL A 150 -2.87 2.15 17.12
CA VAL A 150 -2.17 1.83 18.34
C VAL A 150 -1.78 3.10 19.12
N ALA A 151 -2.57 4.15 18.94
CA ALA A 151 -2.36 5.40 19.58
C ALA A 151 -3.68 5.92 20.16
N ASP A 152 -3.55 6.95 21.03
CA ASP A 152 -4.78 7.57 21.56
C ASP A 152 -5.59 8.33 20.60
N GLU A 153 -4.98 8.87 19.53
CA GLU A 153 -5.70 9.48 18.52
C GLU A 153 -5.05 9.30 17.15
N VAL A 154 -5.66 8.52 16.29
CA VAL A 154 -5.33 8.50 14.90
C VAL A 154 -6.39 9.16 14.12
N LYS A 155 -6.02 10.16 13.30
CA LYS A 155 -6.98 10.84 12.49
C LYS A 155 -7.01 10.30 11.08
N VAL A 156 -8.18 10.01 10.57
CA VAL A 156 -8.32 9.54 9.24
C VAL A 156 -9.75 9.66 8.76
N LEU A 157 -9.91 10.20 7.55
CA LEU A 157 -11.21 10.34 6.85
C LEU A 157 -12.28 11.02 7.76
N GLY A 158 -11.85 12.00 8.52
CA GLY A 158 -12.76 12.79 9.39
C GLY A 158 -13.08 12.09 10.69
N GLU A 159 -12.54 10.87 10.90
CA GLU A 159 -12.66 10.16 12.16
C GLU A 159 -11.46 10.25 13.07
N LYS A 160 -11.71 9.98 14.34
CA LYS A 160 -10.74 9.91 15.38
C LYS A 160 -10.76 8.55 16.05
N LEU A 161 -9.69 7.80 15.85
CA LEU A 161 -9.52 6.48 16.45
C LEU A 161 -8.71 6.51 17.69
N GLY A 162 -9.24 5.91 18.74
CA GLY A 162 -8.52 5.71 19.90
C GLY A 162 -7.76 4.41 19.93
N HIS A 163 -7.29 4.04 21.08
CA HIS A 163 -6.39 2.90 21.22
C HIS A 163 -7.05 1.57 20.79
N HIS A 164 -6.56 0.94 19.72
CA HIS A 164 -7.08 -0.30 19.18
C HIS A 164 -8.41 -0.22 18.47
N ASP A 165 -8.90 0.98 18.25
CA ASP A 165 -10.04 1.18 17.37
C ASP A 165 -9.63 0.92 15.90
N CYS A 166 -10.60 0.65 15.06
CA CYS A 166 -10.32 0.30 13.66
C CYS A 166 -11.32 0.94 12.72
N LEU A 167 -10.83 1.69 11.76
CA LEU A 167 -11.62 2.23 10.69
C LEU A 167 -11.74 1.25 9.55
N GLN A 168 -12.92 1.13 8.94
CA GLN A 168 -13.08 0.30 7.74
C GLN A 168 -13.78 1.06 6.64
N VAL A 169 -13.17 1.11 5.46
CA VAL A 169 -13.82 1.63 4.26
C VAL A 169 -14.20 0.43 3.46
N ASP A 170 -15.47 0.33 3.02
CA ASP A 170 -15.93 -0.81 2.26
C ASP A 170 -16.48 -0.38 0.93
N GLY A 171 -16.42 -1.31 -0.01
CA GLY A 171 -17.03 -1.10 -1.37
C GLY A 171 -16.43 0.01 -2.16
N ASN A 172 -15.14 0.28 -2.01
CA ASN A 172 -14.53 1.32 -2.76
C ASN A 172 -14.44 0.86 -4.21
N ALA A 173 -14.80 1.75 -5.13
CA ALA A 173 -14.69 1.46 -6.57
C ALA A 173 -13.95 2.48 -7.42
N GLY A 174 -13.16 3.38 -6.85
CA GLY A 174 -12.39 4.34 -7.64
C GLY A 174 -11.03 4.45 -6.90
N LEU A 175 -10.33 5.57 -7.10
CA LEU A 175 -9.01 5.77 -6.48
C LEU A 175 -9.25 6.62 -5.29
N LEU A 176 -9.15 6.02 -4.10
CA LEU A 176 -9.38 6.70 -2.85
C LEU A 176 -8.14 7.49 -2.43
N ASP A 177 -8.26 8.74 -2.02
CA ASP A 177 -7.18 9.56 -1.50
C ASP A 177 -7.31 9.72 -0.01
N ILE A 178 -6.44 9.05 0.73
CA ILE A 178 -6.50 8.91 2.20
C ILE A 178 -5.33 9.52 2.89
N SER A 179 -5.58 10.44 3.85
CA SER A 179 -4.57 10.95 4.74
C SER A 179 -4.79 10.38 6.09
N VAL A 180 -3.71 10.07 6.75
CA VAL A 180 -3.74 9.49 8.10
C VAL A 180 -2.69 10.14 8.96
N THR A 181 -3.02 10.38 10.22
CA THR A 181 -2.09 10.93 11.17
C THR A 181 -2.06 10.08 12.38
N GLY A 182 -0.89 9.60 12.74
CA GLY A 182 -0.71 8.84 14.00
C GLY A 182 -0.31 7.36 13.76
N ARG A 183 0.06 6.67 14.83
N ARG A 183 -0.01 6.67 14.83
CA ARG A 183 0.67 5.34 14.77
CA ARG A 183 0.59 5.38 14.75
C ARG A 183 -0.44 4.29 14.55
C ARG A 183 -0.47 4.30 14.55
N CYS A 184 -0.38 3.56 13.45
CA CYS A 184 -1.42 2.66 13.07
C CYS A 184 -0.94 1.64 11.99
N CYS A 185 -1.78 0.64 11.78
CA CYS A 185 -1.55 -0.34 10.72
C CYS A 185 -2.54 -0.16 9.60
N LEU A 186 -2.03 -0.06 8.38
CA LEU A 186 -2.82 0.11 7.14
C LEU A 186 -2.98 -1.20 6.47
N ILE A 187 -4.22 -1.70 6.28
CA ILE A 187 -4.47 -2.93 5.54
C ILE A 187 -5.40 -2.69 4.38
N GLU A 188 -5.06 -3.28 3.25
CA GLU A 188 -5.88 -3.12 2.05
C GLU A 188 -6.17 -4.48 1.51
N LEU A 189 -7.45 -4.74 1.19
CA LEU A 189 -7.90 -6.05 0.77
C LEU A 189 -8.86 -5.88 -0.40
N THR A 190 -8.65 -6.69 -1.43
CA THR A 190 -9.45 -6.62 -2.68
C THR A 190 -9.77 -7.99 -3.16
N GLN A 191 -11.05 -8.24 -3.45
CA GLN A 191 -11.43 -9.59 -3.96
C GLN A 191 -10.77 -9.86 -5.27
N ARG A 192 -10.34 -11.08 -5.45
CA ARG A 192 -9.65 -11.45 -6.72
C ARG A 192 -10.69 -12.12 -7.55
N GLY A 193 -10.70 -11.85 -8.87
CA GLY A 193 -11.66 -12.45 -9.81
C GLY A 193 -11.88 -13.95 -9.52
N SER B 9 10.98 -11.46 -6.31
CA SER B 9 11.18 -12.34 -7.55
C SER B 9 12.05 -11.67 -8.63
N ALA B 10 11.41 -11.18 -9.70
CA ALA B 10 12.14 -10.61 -10.82
C ALA B 10 12.36 -9.10 -10.52
N ILE B 11 13.58 -8.69 -10.24
CA ILE B 11 13.89 -7.30 -9.92
C ILE B 11 14.57 -6.64 -11.07
N SER B 12 14.12 -5.47 -11.47
CA SER B 12 14.77 -4.64 -12.49
C SER B 12 15.12 -3.29 -11.89
N VAL B 13 16.23 -2.67 -12.29
CA VAL B 13 16.57 -1.33 -11.85
C VAL B 13 16.68 -0.47 -13.13
N TRP B 14 15.86 0.58 -13.24
CA TRP B 14 15.86 1.51 -14.37
C TRP B 14 16.72 2.68 -13.88
N ARG B 15 17.85 2.94 -14.52
CA ARG B 15 18.69 4.03 -14.13
C ARG B 15 18.35 5.28 -14.95
N ALA B 16 18.25 6.40 -14.27
CA ALA B 16 17.77 7.60 -14.95
C ALA B 16 18.76 8.08 -16.05
N VAL B 17 19.99 7.78 -15.84
CA VAL B 17 21.00 8.12 -16.91
C VAL B 17 20.69 7.43 -18.23
N ASP B 18 19.96 6.33 -18.23
CA ASP B 18 19.53 5.65 -19.45
C ASP B 18 18.23 6.09 -20.04
N TYR B 19 17.49 6.99 -19.36
CA TYR B 19 16.21 7.37 -19.92
C TYR B 19 16.47 8.26 -21.19
N VAL B 20 15.59 8.10 -22.15
CA VAL B 20 15.68 8.84 -23.40
C VAL B 20 14.61 9.98 -23.38
N ARG B 21 15.11 11.19 -23.56
CA ARG B 21 14.31 12.44 -23.60
CA ARG B 21 14.23 12.35 -23.57
C ARG B 21 13.67 12.55 -24.96
N MET B 22 12.35 12.59 -25.04
CA MET B 22 11.60 12.79 -26.29
C MET B 22 10.70 14.08 -26.31
N PRO B 23 11.11 15.10 -27.09
CA PRO B 23 10.29 16.33 -27.20
C PRO B 23 8.85 16.08 -27.52
N TRP B 24 7.96 16.87 -26.93
CA TRP B 24 6.52 16.72 -27.23
C TRP B 24 6.26 17.23 -28.68
N LYS B 25 5.26 16.68 -29.36
CA LYS B 25 4.89 17.20 -30.70
C LYS B 25 4.87 18.75 -30.70
N ASN B 26 4.09 19.32 -29.78
CA ASN B 26 3.89 20.78 -29.65
C ASN B 26 5.08 21.70 -29.25
N GLY B 27 6.24 21.17 -28.89
CA GLY B 27 7.39 22.03 -28.49
C GLY B 27 7.44 22.55 -27.04
N GLY B 28 6.39 22.29 -26.27
CA GLY B 28 6.32 22.88 -24.93
C GLY B 28 6.87 22.01 -23.80
N GLY B 29 7.66 21.00 -24.12
CA GLY B 29 8.12 20.05 -23.05
C GLY B 29 8.60 18.75 -23.65
N SER B 30 8.81 17.75 -22.78
CA SER B 30 9.38 16.48 -23.25
C SER B 30 9.10 15.40 -22.24
N THR B 31 9.32 14.14 -22.63
CA THR B 31 8.89 13.03 -21.77
C THR B 31 10.07 12.04 -21.76
N GLU B 32 10.42 11.55 -20.57
CA GLU B 32 11.34 10.38 -20.41
C GLU B 32 10.52 9.21 -19.92
N GLU B 33 10.44 8.13 -20.71
CA GLU B 33 9.68 7.00 -20.30
C GLU B 33 10.56 6.17 -19.36
N ILE B 34 9.96 5.70 -18.26
CA ILE B 34 10.71 4.87 -17.28
C ILE B 34 10.37 3.40 -17.57
N THR B 35 9.12 3.04 -17.47
CA THR B 35 8.67 1.68 -17.68
C THR B 35 7.17 1.67 -17.86
N ARG B 36 6.61 0.54 -18.25
CA ARG B 36 5.22 0.37 -18.60
C ARG B 36 4.88 -1.07 -18.64
N ASP B 37 3.61 -1.37 -18.77
CA ASP B 37 3.17 -2.74 -18.89
C ASP B 37 3.57 -3.31 -20.25
N ALA B 38 3.42 -4.61 -20.25
CA ALA B 38 3.97 -5.50 -21.27
C ALA B 38 2.89 -6.01 -22.18
N GLY B 39 1.71 -5.37 -22.21
CA GLY B 39 0.62 -5.83 -23.07
C GLY B 39 1.00 -5.30 -24.42
N THR B 40 0.35 -5.78 -25.48
CA THR B 40 0.60 -5.25 -26.84
C THR B 40 -0.58 -4.42 -27.37
N GLY B 41 -1.81 -4.77 -26.97
CA GLY B 41 -3.06 -4.48 -27.66
C GLY B 41 -3.28 -3.12 -28.32
N LEU B 42 -3.86 -3.15 -29.53
CA LEU B 42 -4.45 -1.95 -30.16
C LEU B 42 -5.60 -1.40 -29.29
N GLU B 43 -6.12 -2.24 -28.39
CA GLU B 43 -7.20 -1.88 -27.45
C GLU B 43 -6.84 -0.96 -26.21
N GLY B 44 -5.81 -0.10 -26.30
CA GLY B 44 -5.38 0.75 -25.19
C GLY B 44 -4.25 0.10 -24.41
N PHE B 45 -3.65 0.86 -23.51
CA PHE B 45 -2.40 0.38 -22.77
C PHE B 45 -2.73 0.19 -21.33
N GLY B 46 -1.87 -0.47 -20.53
CA GLY B 46 -2.36 -0.78 -19.25
C GLY B 46 -1.94 0.31 -18.20
N TRP B 47 -0.63 0.60 -18.14
CA TRP B 47 -0.04 1.60 -17.21
C TRP B 47 1.31 2.00 -17.70
N ARG B 48 1.70 3.25 -17.40
CA ARG B 48 2.89 3.80 -17.87
CA ARG B 48 2.90 3.85 -17.86
C ARG B 48 3.45 4.74 -16.79
N LEU B 49 4.76 4.71 -16.61
CA LEU B 49 5.47 5.60 -15.66
C LEU B 49 6.43 6.43 -16.47
N SER B 50 6.50 7.74 -16.20
CA SER B 50 7.37 8.64 -16.95
C SER B 50 7.73 9.88 -16.16
N ILE B 51 8.66 10.64 -16.67
CA ILE B 51 8.94 11.98 -16.16
C ILE B 51 8.61 12.95 -17.31
N ALA B 52 7.85 14.00 -17.02
CA ALA B 52 7.46 15.03 -18.03
C ALA B 52 8.17 16.28 -17.66
N ASP B 53 8.91 16.90 -18.60
CA ASP B 53 9.49 18.23 -18.45
C ASP B 53 8.50 19.20 -19.06
N ILE B 54 7.97 20.14 -18.26
CA ILE B 54 6.99 21.09 -18.73
C ILE B 54 7.73 22.39 -18.86
N GLY B 55 7.89 22.84 -20.10
CA GLY B 55 8.77 24.03 -20.32
C GLY B 55 7.93 25.29 -20.63
N GLU B 56 6.67 25.13 -20.92
CA GLU B 56 5.80 26.29 -21.21
C GLU B 56 4.49 26.09 -20.59
N SER B 57 3.81 27.18 -20.19
CA SER B 57 2.42 27.03 -19.89
C SER B 57 1.67 26.57 -21.08
N GLY B 58 0.57 25.87 -20.87
CA GLY B 58 -0.36 25.45 -21.86
C GLY B 58 -1.13 24.22 -21.44
N GLY B 59 -1.86 23.68 -22.39
CA GLY B 59 -2.79 22.59 -22.20
C GLY B 59 -2.04 21.26 -22.19
N PHE B 60 -2.61 20.29 -21.48
CA PHE B 60 -2.09 18.90 -21.49
C PHE B 60 -2.93 18.15 -22.50
N SER B 61 -2.35 17.09 -23.05
CA SER B 61 -3.18 16.11 -23.75
C SER B 61 -4.13 15.42 -22.85
N SER B 62 -5.20 14.95 -23.42
CA SER B 62 -6.16 14.08 -22.75
C SER B 62 -5.91 12.61 -23.04
N PHE B 63 -6.40 11.80 -22.11
CA PHE B 63 -6.20 10.34 -22.15
C PHE B 63 -7.46 9.80 -21.65
N ALA B 64 -8.46 9.80 -22.52
CA ALA B 64 -9.78 9.39 -22.09
C ALA B 64 -9.83 7.92 -21.61
N GLY B 65 -10.50 7.71 -20.48
CA GLY B 65 -10.63 6.39 -19.84
C GLY B 65 -9.51 5.99 -18.87
N TYR B 66 -8.46 6.80 -18.78
CA TYR B 66 -7.30 6.49 -17.93
C TYR B 66 -7.40 7.33 -16.67
N GLN B 67 -6.76 6.86 -15.62
CA GLN B 67 -6.55 7.67 -14.38
C GLN B 67 -5.13 8.17 -14.35
N ARG B 68 -4.90 9.41 -13.91
CA ARG B 68 -3.57 9.98 -13.80
C ARG B 68 -3.27 10.36 -12.36
N VAL B 69 -2.01 10.19 -11.96
CA VAL B 69 -1.54 10.78 -10.74
C VAL B 69 -0.21 11.42 -11.08
N ILE B 70 -0.07 12.72 -10.84
CA ILE B 70 1.16 13.41 -11.16
C ILE B 70 1.74 14.09 -9.90
N THR B 71 3.05 14.27 -9.87
CA THR B 71 3.74 14.85 -8.77
C THR B 71 4.87 15.72 -9.22
N VAL B 72 4.93 16.99 -8.80
CA VAL B 72 6.11 17.81 -9.10
C VAL B 72 7.34 17.28 -8.41
N ILE B 73 8.41 17.04 -9.17
CA ILE B 73 9.64 16.55 -8.62
C ILE B 73 10.87 17.45 -8.80
N GLN B 74 10.76 18.44 -9.67
CA GLN B 74 11.80 19.44 -9.75
C GLN B 74 11.15 20.74 -10.14
N GLY B 75 11.74 21.78 -9.60
CA GLY B 75 11.15 23.12 -9.70
C GLY B 75 10.22 23.40 -8.54
N ALA B 76 9.73 24.62 -8.45
CA ALA B 76 9.05 25.06 -7.21
C ALA B 76 7.55 24.82 -7.23
N GLY B 77 6.95 24.46 -8.35
CA GLY B 77 5.55 24.19 -8.46
C GLY B 77 4.91 24.88 -9.59
N MET B 78 3.70 24.50 -9.86
CA MET B 78 2.87 25.08 -10.90
C MET B 78 1.40 25.01 -10.56
N VAL B 79 0.56 25.67 -11.39
CA VAL B 79 -0.86 25.70 -11.20
C VAL B 79 -1.63 25.03 -12.27
N LEU B 80 -2.50 24.12 -11.90
CA LEU B 80 -3.36 23.47 -12.83
C LEU B 80 -4.78 23.94 -12.80
N THR B 81 -5.38 24.03 -13.98
CA THR B 81 -6.78 24.22 -14.07
C THR B 81 -7.40 22.97 -14.70
N VAL B 82 -8.30 22.33 -13.98
CA VAL B 82 -8.94 21.08 -14.41
C VAL B 82 -10.42 21.36 -14.66
N ASP B 83 -10.84 21.17 -15.90
CA ASP B 83 -12.25 21.37 -16.30
C ASP B 83 -12.78 22.73 -15.85
N GLY B 84 -11.95 23.74 -16.02
CA GLY B 84 -12.31 25.09 -15.50
C GLY B 84 -12.74 25.24 -14.01
N GLU B 85 -12.55 24.22 -13.14
CA GLU B 85 -12.65 24.35 -11.67
C GLU B 85 -11.65 25.40 -11.19
N GLU B 86 -11.65 25.73 -9.88
CA GLU B 86 -10.70 26.79 -9.44
C GLU B 86 -9.31 26.26 -9.62
N GLN B 87 -8.40 27.14 -9.84
CA GLN B 87 -7.01 26.81 -10.02
C GLN B 87 -6.50 26.00 -8.78
N ARG B 88 -5.63 25.04 -9.07
CA ARG B 88 -4.98 24.23 -8.04
C ARG B 88 -3.49 24.29 -8.07
N GLY B 89 -2.87 24.62 -6.94
CA GLY B 89 -1.43 24.74 -6.84
C GLY B 89 -0.78 23.35 -6.54
N LEU B 90 0.26 23.00 -7.28
CA LEU B 90 1.05 21.76 -7.03
C LEU B 90 2.37 22.11 -6.57
N LEU B 91 2.65 21.77 -5.32
CA LEU B 91 3.93 21.99 -4.72
C LEU B 91 4.81 20.72 -4.88
N PRO B 92 6.09 20.89 -4.69
CA PRO B 92 6.95 19.68 -4.82
C PRO B 92 6.55 18.55 -3.97
N LEU B 93 6.47 17.35 -4.55
CA LEU B 93 6.19 16.09 -3.85
C LEU B 93 4.81 15.95 -3.36
N GLN B 94 3.87 16.79 -3.85
CA GLN B 94 2.48 16.65 -3.48
C GLN B 94 1.69 15.98 -4.59
N PRO B 95 1.34 14.67 -4.41
CA PRO B 95 0.68 14.01 -5.49
C PRO B 95 -0.72 14.55 -5.81
N PHE B 96 -1.11 14.49 -7.07
CA PHE B 96 -2.43 15.04 -7.53
C PHE B 96 -3.05 14.09 -8.53
N ALA B 97 -4.21 13.57 -8.19
CA ALA B 97 -4.96 12.66 -9.04
C ALA B 97 -6.01 13.35 -9.89
N PHE B 98 -6.09 13.01 -11.16
CA PHE B 98 -7.19 13.48 -12.02
C PHE B 98 -7.49 12.52 -13.14
N ARG B 99 -8.68 12.65 -13.69
CA ARG B 99 -9.09 11.81 -14.82
C ARG B 99 -8.46 12.24 -16.10
N GLY B 100 -8.10 11.24 -16.92
CA GLY B 100 -7.49 11.50 -18.23
C GLY B 100 -8.54 12.19 -19.19
N ASP B 101 -9.80 12.01 -18.90
CA ASP B 101 -11.02 12.59 -19.64
C ASP B 101 -10.95 14.11 -19.50
N SER B 102 -10.45 14.59 -18.36
CA SER B 102 -10.55 16.00 -18.04
C SER B 102 -9.77 16.85 -18.96
N GLN B 103 -10.24 18.10 -19.12
CA GLN B 103 -9.43 19.05 -19.88
C GLN B 103 -8.58 19.84 -18.88
N VAL B 104 -7.26 19.85 -19.09
CA VAL B 104 -6.31 20.33 -18.08
C VAL B 104 -5.36 21.22 -18.69
N SER B 105 -5.04 22.36 -18.02
CA SER B 105 -3.99 23.17 -18.47
C SER B 105 -3.14 23.59 -17.30
N CYS B 106 -1.93 23.86 -17.59
CA CYS B 106 -0.91 24.20 -16.64
C CYS B 106 -0.37 25.61 -16.84
N ARG B 107 -0.21 26.35 -15.75
CA ARG B 107 0.43 27.65 -15.74
C ARG B 107 1.65 27.64 -14.92
N LEU B 108 2.79 27.83 -15.57
CA LEU B 108 4.03 27.88 -14.91
C LEU B 108 4.11 29.27 -14.23
N ILE B 109 4.64 29.30 -13.03
CA ILE B 109 4.76 30.52 -12.17
C ILE B 109 6.22 30.80 -12.01
N THR B 110 7.01 29.79 -11.62
CA THR B 110 8.46 29.98 -11.44
C THR B 110 9.31 29.30 -12.48
N GLY B 111 8.82 29.13 -13.67
CA GLY B 111 9.66 28.53 -14.64
C GLY B 111 9.43 27.00 -14.73
N PRO B 112 10.31 26.34 -15.46
CA PRO B 112 10.02 24.97 -15.90
C PRO B 112 9.98 24.01 -14.71
N ILE B 113 9.23 22.96 -14.92
CA ILE B 113 8.95 21.97 -13.88
C ILE B 113 9.21 20.61 -14.48
N ARG B 114 9.61 19.67 -13.60
CA ARG B 114 9.56 18.25 -13.98
C ARG B 114 8.51 17.52 -13.09
N ASP B 115 7.69 16.68 -13.67
CA ASP B 115 6.63 15.93 -12.99
C ASP B 115 6.88 14.40 -13.09
N PHE B 116 6.68 13.69 -11.98
CA PHE B 116 6.63 12.19 -12.03
C PHE B 116 5.23 11.78 -12.32
N ASN B 117 5.02 11.06 -13.45
CA ASN B 117 3.71 10.72 -13.96
C ASN B 117 3.38 9.24 -13.90
N LEU B 118 2.29 8.89 -13.23
CA LEU B 118 1.65 7.60 -13.37
C LEU B 118 0.40 7.75 -14.17
N ILE B 119 0.19 6.88 -15.15
CA ILE B 119 -1.13 6.77 -15.76
C ILE B 119 -1.51 5.30 -15.88
N TYR B 120 -2.75 4.99 -15.58
CA TYR B 120 -3.22 3.58 -15.71
C TYR B 120 -4.66 3.51 -16.10
N SER B 121 -5.04 2.36 -16.66
CA SER B 121 -6.45 2.03 -16.99
C SER B 121 -7.12 1.40 -15.80
N PRO B 122 -8.14 2.05 -15.22
CA PRO B 122 -8.82 1.46 -14.10
C PRO B 122 -9.60 0.18 -14.43
N GLU B 123 -9.96 0.04 -15.70
CA GLU B 123 -10.62 -1.14 -16.21
CA GLU B 123 -10.62 -1.17 -16.15
C GLU B 123 -9.65 -2.34 -16.11
N ARG B 124 -8.37 -2.09 -16.35
CA ARG B 124 -7.42 -3.16 -16.45
C ARG B 124 -6.51 -3.39 -15.20
N TYR B 125 -6.31 -2.35 -14.38
CA TYR B 125 -5.40 -2.45 -13.24
C TYR B 125 -5.97 -1.89 -11.96
N HIS B 126 -5.67 -2.58 -10.88
CA HIS B 126 -5.69 -2.03 -9.55
C HIS B 126 -4.38 -1.26 -9.33
N ALA B 127 -4.42 -0.22 -8.49
CA ALA B 127 -3.29 0.68 -8.33
C ALA B 127 -3.23 1.20 -6.90
N ARG B 128 -2.03 1.56 -6.49
CA ARG B 128 -1.76 2.28 -5.26
C ARG B 128 -0.55 3.13 -5.47
N LEU B 129 -0.55 4.32 -4.85
CA LEU B 129 0.60 5.19 -4.91
C LEU B 129 0.78 5.89 -3.57
N GLN B 130 2.02 5.99 -3.07
CA GLN B 130 2.29 6.71 -1.83
C GLN B 130 3.72 7.23 -1.80
N TRP B 131 3.90 8.51 -1.56
CA TRP B 131 5.22 9.10 -1.28
C TRP B 131 5.56 8.87 0.19
N VAL B 132 6.81 8.44 0.44
CA VAL B 132 7.27 8.04 1.78
C VAL B 132 8.64 8.59 2.06
N ASP B 133 9.08 8.49 3.35
CA ASP B 133 10.42 8.89 3.69
C ASP B 133 10.84 8.09 4.88
N GLY B 134 12.11 8.13 5.19
CA GLY B 134 12.60 7.41 6.36
C GLY B 134 12.62 5.90 6.13
N VAL B 135 12.44 5.17 7.20
CA VAL B 135 12.49 3.70 7.15
C VAL B 135 11.05 3.17 7.03
N GLN B 136 10.78 2.36 6.03
CA GLN B 136 9.44 1.83 5.77
C GLN B 136 9.53 0.32 5.55
N ARG B 137 8.42 -0.37 5.80
CA ARG B 137 8.34 -1.80 5.56
C ARG B 137 6.90 -2.12 5.24
N PHE B 138 6.64 -2.77 4.14
CA PHE B 138 5.33 -3.19 3.77
C PHE B 138 5.28 -4.58 3.24
N PHE B 139 4.09 -5.19 3.33
CA PHE B 139 3.83 -6.53 2.76
C PHE B 139 2.80 -6.32 1.67
N SER B 140 3.03 -6.93 0.52
CA SER B 140 2.10 -6.77 -0.58
C SER B 140 2.01 -7.97 -1.49
N THR B 141 0.76 -8.29 -1.94
CA THR B 141 0.55 -9.29 -2.93
C THR B 141 0.58 -8.73 -4.36
N ALA B 142 0.81 -7.45 -4.55
CA ALA B 142 0.68 -6.83 -5.84
C ALA B 142 1.64 -7.48 -6.84
N GLN B 143 1.17 -7.56 -8.08
CA GLN B 143 2.00 -8.21 -9.09
C GLN B 143 3.22 -7.40 -9.47
N THR B 144 3.07 -6.07 -9.51
CA THR B 144 4.19 -5.18 -9.82
C THR B 144 4.34 -4.13 -8.72
N VAL B 145 5.53 -3.97 -8.27
CA VAL B 145 5.89 -2.97 -7.28
C VAL B 145 6.97 -2.10 -7.82
N LEU B 146 6.80 -0.77 -7.71
CA LEU B 146 7.71 0.19 -8.27
C LEU B 146 8.19 1.12 -7.13
N VAL B 147 9.45 1.41 -7.11
CA VAL B 147 10.08 2.32 -6.13
C VAL B 147 10.85 3.37 -6.87
N PHE B 148 10.38 4.63 -6.83
CA PHE B 148 10.99 5.73 -7.58
C PHE B 148 11.65 6.69 -6.61
N SER B 149 12.96 6.84 -6.70
CA SER B 149 13.76 7.66 -5.80
C SER B 149 13.77 9.16 -6.10
N VAL B 150 13.65 9.99 -5.06
CA VAL B 150 13.91 11.41 -5.20
C VAL B 150 15.03 11.81 -4.25
N ALA B 151 15.96 10.90 -4.00
CA ALA B 151 17.05 11.16 -3.03
C ALA B 151 18.34 10.62 -3.57
N ASP B 152 19.46 11.07 -2.97
CA ASP B 152 20.72 10.53 -3.44
C ASP B 152 20.89 9.04 -3.25
N GLU B 153 20.28 8.49 -2.21
CA GLU B 153 20.35 7.07 -1.96
C GLU B 153 19.05 6.54 -1.30
N VAL B 154 18.27 5.80 -2.06
CA VAL B 154 17.15 5.03 -1.50
C VAL B 154 17.58 3.55 -1.55
N LYS B 155 17.54 2.90 -0.40
CA LYS B 155 17.88 1.49 -0.28
C LYS B 155 16.67 0.61 -0.29
N VAL B 156 16.67 -0.40 -1.15
CA VAL B 156 15.52 -1.27 -1.30
C VAL B 156 15.97 -2.54 -2.00
N LEU B 157 15.67 -3.66 -1.35
CA LEU B 157 15.93 -5.00 -1.91
C LEU B 157 17.37 -5.20 -2.33
N GLY B 158 18.31 -4.66 -1.58
CA GLY B 158 19.70 -4.79 -1.81
C GLY B 158 20.29 -3.87 -2.84
N GLU B 159 19.46 -2.96 -3.41
CA GLU B 159 19.89 -2.01 -4.43
C GLU B 159 19.91 -0.63 -3.81
N LYS B 160 20.65 0.23 -4.46
CA LYS B 160 20.77 1.60 -4.10
C LYS B 160 20.37 2.47 -5.30
N LEU B 161 19.32 3.26 -5.11
CA LEU B 161 18.78 4.10 -6.13
C LEU B 161 19.14 5.54 -5.89
N GLY B 162 19.73 6.19 -6.91
CA GLY B 162 19.96 7.59 -6.89
C GLY B 162 18.79 8.35 -7.41
N HIS B 163 18.96 9.70 -7.60
CA HIS B 163 17.85 10.56 -8.00
C HIS B 163 17.19 10.10 -9.28
N HIS B 164 15.93 9.76 -9.22
CA HIS B 164 15.06 9.40 -10.35
C HIS B 164 15.33 8.03 -10.93
N ASP B 165 16.13 7.24 -10.23
CA ASP B 165 16.27 5.83 -10.54
C ASP B 165 15.01 5.11 -10.01
N CYS B 166 14.64 3.98 -10.62
CA CYS B 166 13.42 3.26 -10.23
C CYS B 166 13.63 1.77 -10.19
N LEU B 167 13.28 1.12 -9.07
CA LEU B 167 13.30 -0.31 -8.95
C LEU B 167 11.94 -0.83 -9.27
N GLN B 168 11.87 -1.95 -9.99
CA GLN B 168 10.64 -2.62 -10.37
C GLN B 168 10.69 -4.11 -10.00
N VAL B 169 9.69 -4.57 -9.26
CA VAL B 169 9.52 -6.00 -9.01
C VAL B 169 8.38 -6.40 -9.91
N ASP B 170 8.52 -7.48 -10.66
CA ASP B 170 7.47 -7.98 -11.58
C ASP B 170 7.19 -9.44 -11.29
N GLY B 171 6.01 -9.87 -11.70
CA GLY B 171 5.61 -11.30 -11.54
C GLY B 171 5.51 -11.82 -10.16
N ASN B 172 5.19 -10.96 -9.22
CA ASN B 172 5.03 -11.45 -7.87
C ASN B 172 3.77 -12.25 -7.73
N ALA B 173 3.86 -13.40 -7.05
CA ALA B 173 2.74 -14.24 -6.84
C ALA B 173 2.55 -14.74 -5.39
N GLY B 174 3.15 -14.11 -4.43
CA GLY B 174 2.92 -14.39 -3.01
C GLY B 174 2.92 -13.09 -2.24
N LEU B 175 3.23 -13.12 -0.94
CA LEU B 175 3.25 -11.89 -0.16
C LEU B 175 4.67 -11.42 -0.05
N LEU B 176 4.97 -10.29 -0.69
CA LEU B 176 6.29 -9.73 -0.68
C LEU B 176 6.52 -8.92 0.54
N ASP B 177 7.68 -9.00 1.19
CA ASP B 177 8.00 -8.19 2.38
C ASP B 177 9.13 -7.29 2.02
N ILE B 178 8.87 -6.02 1.92
CA ILE B 178 9.79 -5.06 1.31
C ILE B 178 10.08 -3.96 2.31
N SER B 179 11.38 -3.75 2.59
CA SER B 179 11.82 -2.62 3.37
C SER B 179 12.43 -1.59 2.45
N VAL B 180 12.18 -0.31 2.73
CA VAL B 180 12.73 0.76 1.96
C VAL B 180 13.26 1.84 2.88
N THR B 181 14.41 2.43 2.57
CA THR B 181 14.93 3.57 3.33
C THR B 181 15.21 4.71 2.41
N GLY B 182 14.60 5.85 2.69
CA GLY B 182 14.77 7.11 1.95
C GLY B 182 13.57 7.69 1.24
N ARG B 183 13.71 8.85 0.66
CA ARG B 183 12.59 9.56 0.10
C ARG B 183 12.25 9.04 -1.28
N CYS B 184 11.07 8.51 -1.46
CA CYS B 184 10.70 7.86 -2.70
C CYS B 184 9.19 7.70 -2.82
N CYS B 185 8.73 7.28 -3.99
CA CYS B 185 7.35 7.00 -4.26
C CYS B 185 7.16 5.50 -4.46
N LEU B 186 6.23 4.94 -3.75
CA LEU B 186 5.87 3.51 -3.80
C LEU B 186 4.63 3.32 -4.65
N ILE B 187 4.71 2.57 -5.75
CA ILE B 187 3.55 2.28 -6.58
C ILE B 187 3.33 0.77 -6.69
N GLU B 188 2.11 0.33 -6.62
CA GLU B 188 1.78 -1.03 -6.74
C GLU B 188 0.65 -1.20 -7.78
N LEU B 189 0.83 -2.15 -8.67
CA LEU B 189 -0.10 -2.37 -9.79
C LEU B 189 -0.37 -3.84 -9.93
N THR B 190 -1.62 -4.17 -10.14
CA THR B 190 -2.08 -5.57 -10.35
C THR B 190 -3.18 -5.63 -11.42
N GLN B 191 -3.02 -6.55 -12.39
CA GLN B 191 -4.00 -6.76 -13.42
C GLN B 191 -5.29 -7.21 -12.81
N ARG B 192 -6.40 -6.72 -13.32
CA ARG B 192 -7.68 -7.13 -12.81
C ARG B 192 -8.10 -8.31 -13.68
N GLY B 193 -8.90 -9.18 -13.07
CA GLY B 193 -9.02 -10.59 -13.47
C GLY B 193 -9.34 -10.80 -14.94
C1 GOL C . -4.59 -22.32 19.62
O1 GOL C . -5.00 -23.10 20.74
C2 GOL C . -5.58 -21.20 19.32
O2 GOL C . -6.52 -21.64 18.29
C3 GOL C . -4.79 -20.04 18.74
O3 GOL C . -4.10 -20.55 17.59
C FMT D . -2.77 -17.43 17.25
O1 FMT D . -2.54 -16.23 16.92
O2 FMT D . -3.17 -18.35 16.37
C FMT E . -5.93 -15.97 12.63
O1 FMT E . -6.73 -16.43 13.47
O2 FMT E . -5.78 -14.67 12.46
C FMT F . -17.81 -18.28 27.66
O1 FMT F . -17.07 -17.26 27.67
O2 FMT F . -17.90 -19.09 26.57
C FMT G . -9.93 -22.03 19.20
O1 FMT G . -8.80 -22.28 19.52
O2 FMT G . -10.69 -21.69 20.18
C FMT H . 11.69 -28.86 21.19
O1 FMT H . 12.31 -28.92 20.14
O2 FMT H . 12.04 -28.06 22.14
C FMT I . 1.53 16.24 -19.01
O1 FMT I . 1.97 15.64 -17.98
O2 FMT I . 0.55 15.67 -19.74
C FMT J . 23.84 3.99 -7.00
O1 FMT J . 23.31 5.11 -7.05
O2 FMT J . 24.79 3.58 -7.87
C FMT K . -8.51 23.57 -18.33
O1 FMT K . -7.94 24.57 -18.81
O2 FMT K . -9.75 23.57 -17.82
C FMT L . -9.34 31.84 -18.79
O1 FMT L . -8.46 32.42 -18.17
O2 FMT L . -10.45 31.36 -18.23
C FMT M . 0.79 10.24 -18.98
O1 FMT M . 1.45 10.70 -19.94
O2 FMT M . 1.37 9.96 -17.76
C1 GOL N . 1.59 16.61 -22.64
O1 GOL N . 0.22 16.53 -22.25
C2 GOL N . 1.65 16.92 -24.12
O2 GOL N . 0.97 15.87 -24.82
C3 GOL N . 1.03 18.30 -24.37
O3 GOL N . 0.95 18.57 -25.79
#